data_3T9Y
#
_entry.id   3T9Y
#
_cell.length_a   69.711
_cell.length_b   91.746
_cell.length_c   53.866
_cell.angle_alpha   90.000
_cell.angle_beta   90.000
_cell.angle_gamma   90.000
#
_symmetry.space_group_name_H-M   'C 2 2 21'
#
loop_
_entity.id
_entity.type
_entity.pdbx_description
1 polymer 'Acetyltransferase, GNAT family'
2 non-polymer 'SULFATE ION'
3 non-polymer 1,2-ETHANEDIOL
4 non-polymer 'TRIETHYLENE GLYCOL'
5 water water
#
_entity_poly.entity_id   1
_entity_poly.type   'polypeptide(L)'
_entity_poly.pdbx_seq_one_letter_code
;SNA(MSE)SIITRLFNNSDFEKLNQLCKLYDDLGYPTNENDLKKRLKKITNHDDYFLLLLIKENKIIGLSG(MSE)CK
(MSE)(MSE)FYEKNAEY(MSE)RILAFVIHSEFRKKGYGKRLLADSEEFSKRLNCKAITLNSGNRNERLSAHKLYSDNG
YVSNTSGFTKQL
;
_entity_poly.pdbx_strand_id   A
#
loop_
_chem_comp.id
_chem_comp.type
_chem_comp.name
_chem_comp.formula
EDO non-polymer 1,2-ETHANEDIOL 'C2 H6 O2'
PGE non-polymer 'TRIETHYLENE GLYCOL' 'C6 H14 O4'
SO4 non-polymer 'SULFATE ION' 'O4 S -2'
#
# COMPACT_ATOMS: atom_id res chain seq x y z
N MSE A 4 -1.31 -15.27 12.41
CA MSE A 4 -2.20 -15.19 13.60
C MSE A 4 -1.62 -14.22 14.65
O MSE A 4 -0.42 -14.31 14.98
CB MSE A 4 -2.41 -16.59 14.22
CG MSE A 4 -3.37 -17.57 13.50
SE MSE A 4 -3.34 -19.34 14.44
CE MSE A 4 -4.99 -20.15 13.88
N SER A 5 -2.42 -13.28 15.17
CA SER A 5 -3.77 -12.95 14.63
C SER A 5 -3.74 -11.60 13.91
N ILE A 6 -2.53 -11.07 13.77
CA ILE A 6 -2.29 -9.99 12.85
C ILE A 6 -1.85 -10.65 11.55
N ILE A 7 -2.60 -10.43 10.48
CA ILE A 7 -2.18 -10.91 9.17
C ILE A 7 -2.10 -9.80 8.13
N THR A 8 -1.31 -10.03 7.10
CA THR A 8 -1.41 -9.24 5.89
C THR A 8 -1.94 -10.13 4.78
N ARG A 9 -2.83 -9.58 3.98
CA ARG A 9 -3.36 -10.30 2.84
C ARG A 9 -3.71 -9.30 1.75
N LEU A 10 -3.85 -9.75 0.52
CA LEU A 10 -4.27 -8.85 -0.55
C LEU A 10 -5.74 -8.50 -0.37
N PHE A 11 -6.12 -7.29 -0.79
CA PHE A 11 -7.51 -6.87 -0.92
C PHE A 11 -8.26 -7.94 -1.68
N ASN A 12 -9.48 -8.24 -1.27
CA ASN A 12 -10.31 -9.10 -2.11
C ASN A 12 -11.73 -8.52 -2.19
N ASN A 13 -12.60 -9.13 -2.99
CA ASN A 13 -13.91 -8.54 -3.24
C ASN A 13 -14.84 -8.42 -2.00
N SER A 14 -14.63 -9.27 -1.00
CA SER A 14 -15.38 -9.16 0.25
C SER A 14 -15.10 -7.83 0.94
N ASP A 15 -13.97 -7.23 0.60
CA ASP A 15 -13.55 -5.97 1.18
C ASP A 15 -14.39 -4.76 0.69
N PHE A 16 -15.19 -4.98 -0.35
CA PHE A 16 -16.16 -3.95 -0.72
C PHE A 16 -17.30 -3.81 0.31
N GLU A 17 -17.36 -4.74 1.26
N GLU A 17 -17.34 -4.74 1.26
CA GLU A 17 -18.28 -4.64 2.39
CA GLU A 17 -18.28 -4.66 2.38
C GLU A 17 -17.64 -3.94 3.58
C GLU A 17 -17.62 -4.00 3.61
N LYS A 18 -16.38 -3.55 3.43
CA LYS A 18 -15.62 -2.93 4.52
C LYS A 18 -15.14 -1.52 4.16
N LEU A 19 -15.87 -0.85 3.28
CA LEU A 19 -15.47 0.47 2.77
C LEU A 19 -15.36 1.56 3.85
N ASN A 20 -16.16 1.46 4.92
CA ASN A 20 -16.00 2.41 6.01
C ASN A 20 -14.63 2.31 6.68
N GLN A 21 -14.11 1.10 6.77
CA GLN A 21 -12.78 0.86 7.32
C GLN A 21 -11.69 1.44 6.40
N LEU A 22 -11.86 1.20 5.11
CA LEU A 22 -10.95 1.75 4.09
C LEU A 22 -11.04 3.29 4.00
N CYS A 23 -12.26 3.83 4.05
CA CYS A 23 -12.45 5.29 4.10
C CYS A 23 -11.69 5.91 5.28
N LYS A 24 -11.78 5.26 6.45
CA LYS A 24 -11.11 5.70 7.65
C LYS A 24 -9.60 5.77 7.44
N LEU A 25 -9.04 4.81 6.69
CA LEU A 25 -7.60 4.81 6.43
C LEU A 25 -7.22 5.90 5.44
N TYR A 26 -8.08 6.11 4.45
CA TYR A 26 -7.76 7.15 3.46
C TYR A 26 -7.81 8.53 4.12
N ASP A 27 -8.69 8.71 5.09
CA ASP A 27 -8.74 9.91 5.90
C ASP A 27 -7.42 10.11 6.68
N ASP A 28 -6.94 9.07 7.37
CA ASP A 28 -5.63 9.10 8.04
C ASP A 28 -4.48 9.38 7.09
N LEU A 29 -4.65 8.95 5.83
CA LEU A 29 -3.70 9.20 4.77
C LEU A 29 -3.71 10.66 4.38
N GLY A 30 -4.79 11.37 4.68
CA GLY A 30 -4.95 12.78 4.35
C GLY A 30 -5.84 13.00 3.13
N TYR A 31 -6.53 11.96 2.68
CA TYR A 31 -7.34 12.03 1.48
C TYR A 31 -8.72 11.46 1.75
N PRO A 32 -9.51 12.16 2.60
CA PRO A 32 -10.83 11.61 2.92
C PRO A 32 -11.72 11.50 1.70
N THR A 33 -12.68 10.60 1.72
CA THR A 33 -13.46 10.33 0.51
C THR A 33 -14.85 9.86 0.98
N ASN A 34 -15.58 9.14 0.13
CA ASN A 34 -16.84 8.54 0.53
C ASN A 34 -16.89 7.13 -0.02
N GLU A 35 -17.85 6.33 0.41
CA GLU A 35 -17.83 4.92 0.07
C GLU A 35 -18.13 4.67 -1.37
N ASN A 36 -18.93 5.54 -1.98
CA ASN A 36 -19.32 5.37 -3.38
C ASN A 36 -18.15 5.59 -4.34
N ASP A 37 -17.44 6.70 -4.16
CA ASP A 37 -16.28 7.02 -4.97
C ASP A 37 -15.13 6.07 -4.73
N LEU A 38 -14.96 5.64 -3.47
CA LEU A 38 -13.90 4.71 -3.13
C LEU A 38 -14.13 3.35 -3.77
N LYS A 39 -15.37 2.90 -3.76
CA LYS A 39 -15.71 1.66 -4.41
C LYS A 39 -15.29 1.69 -5.85
N LYS A 40 -15.68 2.75 -6.58
CA LYS A 40 -15.29 2.91 -7.97
C LYS A 40 -13.77 2.91 -8.18
N ARG A 41 -13.06 3.68 -7.34
CA ARG A 41 -11.62 3.78 -7.47
C ARG A 41 -10.93 2.44 -7.25
N LEU A 42 -11.32 1.71 -6.19
CA LEU A 42 -10.66 0.46 -5.84
C LEU A 42 -11.00 -0.64 -6.83
N LYS A 43 -12.20 -0.58 -7.38
CA LYS A 43 -12.56 -1.46 -8.47
C LYS A 43 -11.57 -1.32 -9.65
N LYS A 44 -11.33 -0.08 -10.08
CA LYS A 44 -10.38 0.19 -11.18
C LYS A 44 -8.94 -0.28 -10.82
N ILE A 45 -8.44 0.14 -9.66
CA ILE A 45 -7.08 -0.19 -9.23
C ILE A 45 -6.83 -1.69 -9.08
N THR A 46 -7.75 -2.40 -8.40
CA THR A 46 -7.57 -3.84 -8.15
C THR A 46 -7.85 -4.71 -9.36
N ASN A 47 -8.41 -4.15 -10.42
CA ASN A 47 -8.53 -4.90 -11.66
C ASN A 47 -7.36 -4.74 -12.59
N HIS A 48 -6.34 -4.02 -12.13
CA HIS A 48 -5.12 -3.85 -12.92
C HIS A 48 -4.08 -4.86 -12.46
N ASP A 49 -3.52 -5.59 -13.43
CA ASP A 49 -2.58 -6.69 -13.12
C ASP A 49 -1.32 -6.23 -12.39
N ASP A 50 -0.98 -4.96 -12.50
CA ASP A 50 0.28 -4.48 -11.93
C ASP A 50 0.13 -3.85 -10.57
N TYR A 51 -1.10 -3.66 -10.12
CA TYR A 51 -1.33 -3.01 -8.82
C TYR A 51 -1.70 -4.03 -7.76
N PHE A 52 -1.12 -3.84 -6.56
CA PHE A 52 -1.28 -4.79 -5.45
C PHE A 52 -1.58 -4.00 -4.20
N LEU A 53 -2.80 -4.16 -3.69
CA LEU A 53 -3.21 -3.48 -2.48
C LEU A 53 -3.14 -4.47 -1.31
N LEU A 54 -2.12 -4.31 -0.50
CA LEU A 54 -1.91 -5.23 0.61
C LEU A 54 -2.49 -4.61 1.90
N LEU A 55 -3.28 -5.42 2.62
CA LEU A 55 -4.01 -4.96 3.81
C LEU A 55 -3.46 -5.59 5.09
N LEU A 56 -3.42 -4.78 6.14
CA LEU A 56 -3.06 -5.27 7.46
C LEU A 56 -4.36 -5.48 8.21
N ILE A 57 -4.55 -6.69 8.72
CA ILE A 57 -5.81 -7.11 9.35
C ILE A 57 -5.56 -7.49 10.81
N LYS A 58 -6.38 -6.97 11.73
CA LYS A 58 -6.34 -7.33 13.14
C LYS A 58 -7.76 -7.69 13.58
N GLU A 59 -7.98 -8.96 13.90
CA GLU A 59 -9.30 -9.46 14.31
C GLU A 59 -10.38 -9.00 13.35
N ASN A 60 -10.15 -9.30 12.08
CA ASN A 60 -11.08 -9.01 11.00
C ASN A 60 -11.21 -7.56 10.52
N LYS A 61 -10.59 -6.64 11.24
CA LYS A 61 -10.65 -5.23 10.92
C LYS A 61 -9.42 -4.82 10.12
N ILE A 62 -9.62 -4.03 9.08
CA ILE A 62 -8.50 -3.46 8.32
C ILE A 62 -7.85 -2.30 9.08
N ILE A 63 -6.57 -2.43 9.43
CA ILE A 63 -5.95 -1.40 10.22
C ILE A 63 -4.72 -0.78 9.58
N GLY A 64 -4.44 -1.14 8.34
CA GLY A 64 -3.36 -0.55 7.59
C GLY A 64 -3.50 -0.99 6.16
N LEU A 65 -2.91 -0.22 5.27
CA LEU A 65 -2.85 -0.60 3.88
C LEU A 65 -1.52 -0.21 3.29
N SER A 66 -1.06 -1.03 2.34
CA SER A 66 0.10 -0.71 1.55
C SER A 66 -0.26 -0.86 0.06
N GLY A 67 -0.41 0.27 -0.64
CA GLY A 67 -0.78 0.23 -2.04
C GLY A 67 0.45 0.29 -2.93
N MSE A 68 0.62 -0.73 -3.76
CA MSE A 68 1.85 -0.85 -4.54
C MSE A 68 1.56 -0.97 -6.03
O MSE A 68 0.43 -1.24 -6.42
CB MSE A 68 2.60 -2.08 -4.08
CG MSE A 68 3.29 -1.94 -2.71
SE MSE A 68 3.98 -3.63 -2.01
CE MSE A 68 2.30 -4.48 -1.55
N CYS A 69 2.60 -0.78 -6.84
CA CYS A 69 2.54 -1.10 -8.26
C CYS A 69 3.85 -1.75 -8.64
N LYS A 70 3.79 -2.83 -9.42
CA LYS A 70 4.99 -3.46 -9.95
C LYS A 70 5.44 -2.87 -11.27
N MSE A 71 6.71 -2.46 -11.36
CA MSE A 71 7.23 -1.66 -12.46
C MSE A 71 8.39 -2.35 -13.16
O MSE A 71 9.10 -3.10 -12.53
CB MSE A 71 7.83 -0.34 -11.95
CG MSE A 71 7.06 0.36 -10.87
SE MSE A 71 5.77 1.59 -11.54
CE MSE A 71 6.73 2.62 -12.89
N MSE A 72 8.58 -2.04 -14.44
CA MSE A 72 9.80 -2.40 -15.20
C MSE A 72 10.84 -1.26 -15.15
O MSE A 72 10.46 -0.09 -15.27
CB MSE A 72 9.46 -2.66 -16.67
CG MSE A 72 8.56 -3.86 -16.83
SE MSE A 72 8.07 -4.28 -18.65
CE MSE A 72 6.79 -2.87 -18.90
N PHE A 73 12.12 -1.60 -14.93
CA PHE A 73 13.21 -0.65 -15.16
C PHE A 73 13.30 -0.36 -16.67
N TYR A 74 13.51 0.91 -17.04
CA TYR A 74 13.86 1.23 -18.41
C TYR A 74 15.31 0.87 -18.71
N GLU A 75 16.14 0.89 -17.67
CA GLU A 75 17.59 0.79 -17.83
C GLU A 75 18.19 -0.62 -17.62
N LYS A 76 17.41 -1.57 -17.10
CA LYS A 76 17.83 -2.97 -17.05
C LYS A 76 16.64 -3.88 -17.24
N ASN A 77 16.87 -5.13 -17.59
CA ASN A 77 15.75 -6.04 -17.76
C ASN A 77 15.41 -6.66 -16.41
N ALA A 78 14.62 -5.95 -15.61
CA ALA A 78 14.24 -6.45 -14.30
C ALA A 78 13.03 -5.68 -13.85
N GLU A 79 12.52 -5.99 -12.65
CA GLU A 79 11.37 -5.30 -12.12
C GLU A 79 11.62 -4.89 -10.69
N TYR A 80 10.85 -3.90 -10.24
CA TYR A 80 10.88 -3.46 -8.84
C TYR A 80 9.46 -3.08 -8.42
N MSE A 81 9.26 -2.91 -7.11
CA MSE A 81 7.98 -2.47 -6.58
C MSE A 81 8.06 -1.04 -6.10
O MSE A 81 9.06 -0.62 -5.49
CB MSE A 81 7.55 -3.36 -5.40
CG MSE A 81 6.08 -3.22 -5.02
SE MSE A 81 4.94 -4.09 -6.34
CE MSE A 81 4.94 -5.95 -5.78
N ARG A 82 7.00 -0.28 -6.34
N ARG A 82 6.99 -0.28 -6.33
CA ARG A 82 6.88 1.04 -5.76
CA ARG A 82 6.88 1.05 -5.77
C ARG A 82 5.72 1.05 -4.75
C ARG A 82 5.72 1.07 -4.77
N ILE A 83 5.98 1.55 -3.56
CA ILE A 83 4.92 1.76 -2.58
C ILE A 83 4.36 3.15 -2.85
N LEU A 84 3.05 3.18 -3.17
CA LEU A 84 2.35 4.39 -3.58
C LEU A 84 1.49 5.02 -2.49
N ALA A 85 1.12 4.21 -1.48
CA ALA A 85 0.25 4.63 -0.40
C ALA A 85 0.52 3.69 0.76
N PHE A 86 0.73 4.27 1.94
CA PHE A 86 1.06 3.47 3.12
C PHE A 86 0.50 4.15 4.37
N VAL A 87 -0.35 3.46 5.10
CA VAL A 87 -0.94 4.09 6.25
C VAL A 87 -1.35 3.03 7.27
N ILE A 88 -1.10 3.33 8.55
CA ILE A 88 -1.63 2.58 9.67
C ILE A 88 -2.71 3.43 10.36
N HIS A 89 -3.82 2.78 10.70
CA HIS A 89 -4.91 3.37 11.46
C HIS A 89 -4.41 4.24 12.63
N SER A 90 -4.99 5.43 12.79
CA SER A 90 -4.46 6.41 13.76
C SER A 90 -4.45 5.90 15.20
N GLU A 91 -5.34 4.95 15.50
CA GLU A 91 -5.42 4.34 16.84
C GLU A 91 -4.47 3.13 17.04
N PHE A 92 -3.70 2.78 16.01
CA PHE A 92 -2.83 1.62 16.10
C PHE A 92 -1.36 1.96 15.89
N ARG A 93 -0.96 3.18 16.25
CA ARG A 93 0.40 3.65 15.97
C ARG A 93 1.34 3.27 17.11
N LYS A 94 2.65 3.30 16.83
CA LYS A 94 3.70 3.05 17.83
C LYS A 94 3.64 1.64 18.45
N LYS A 95 3.19 0.67 17.65
CA LYS A 95 3.05 -0.69 18.11
C LYS A 95 3.64 -1.69 17.12
N GLY A 96 4.46 -1.20 16.19
CA GLY A 96 5.18 -2.05 15.27
C GLY A 96 4.39 -2.50 14.06
N TYR A 97 3.16 -2.03 13.91
CA TYR A 97 2.36 -2.44 12.78
C TYR A 97 2.91 -1.86 11.46
N GLY A 98 3.49 -0.67 11.55
CA GLY A 98 4.08 -0.03 10.37
C GLY A 98 5.26 -0.85 9.89
N LYS A 99 6.12 -1.21 10.83
CA LYS A 99 7.27 -2.08 10.59
C LYS A 99 6.84 -3.45 9.99
N ARG A 100 5.79 -4.04 10.56
CA ARG A 100 5.30 -5.33 10.12
C ARG A 100 4.77 -5.23 8.68
N LEU A 101 3.93 -4.23 8.40
CA LEU A 101 3.34 -4.07 7.06
C LEU A 101 4.38 -3.75 5.97
N LEU A 102 5.41 -2.96 6.32
CA LEU A 102 6.52 -2.70 5.41
C LEU A 102 7.32 -3.98 5.14
N ALA A 103 7.72 -4.69 6.19
CA ALA A 103 8.46 -5.95 6.02
C ALA A 103 7.70 -6.95 5.15
N ASP A 104 6.38 -7.03 5.33
CA ASP A 104 5.52 -7.93 4.54
C ASP A 104 5.39 -7.46 3.10
N SER A 105 5.40 -6.14 2.90
CA SER A 105 5.40 -5.55 1.54
C SER A 105 6.65 -5.95 0.79
N GLU A 106 7.80 -5.86 1.46
CA GLU A 106 9.10 -6.28 0.87
C GLU A 106 9.09 -7.78 0.56
N GLU A 107 8.62 -8.58 1.51
CA GLU A 107 8.60 -10.04 1.33
C GLU A 107 7.71 -10.43 0.14
N PHE A 108 6.51 -9.83 0.09
CA PHE A 108 5.61 -9.97 -1.04
C PHE A 108 6.32 -9.60 -2.35
N SER A 109 7.00 -8.45 -2.37
CA SER A 109 7.68 -7.97 -3.59
C SER A 109 8.79 -8.93 -4.05
N LYS A 110 9.58 -9.40 -3.08
CA LYS A 110 10.67 -10.35 -3.32
C LYS A 110 10.12 -11.62 -3.97
N ARG A 111 8.96 -12.08 -3.50
N ARG A 111 8.95 -12.05 -3.51
CA ARG A 111 8.34 -13.30 -4.07
CA ARG A 111 8.30 -13.25 -4.01
C ARG A 111 7.93 -13.07 -5.53
C ARG A 111 7.85 -13.08 -5.46
N LEU A 112 7.56 -11.83 -5.84
CA LEU A 112 7.25 -11.45 -7.24
C LEU A 112 8.47 -11.09 -8.06
N ASN A 113 9.66 -11.41 -7.54
CA ASN A 113 10.90 -11.25 -8.28
C ASN A 113 11.34 -9.81 -8.43
N CYS A 114 10.84 -8.94 -7.58
CA CYS A 114 11.33 -7.57 -7.59
C CYS A 114 12.75 -7.49 -7.02
N LYS A 115 13.59 -6.73 -7.68
CA LYS A 115 14.97 -6.57 -7.31
C LYS A 115 15.13 -5.51 -6.24
N ALA A 116 14.08 -4.72 -6.04
CA ALA A 116 14.15 -3.58 -5.15
C ALA A 116 12.75 -3.07 -4.88
N ILE A 117 12.61 -2.31 -3.81
CA ILE A 117 11.33 -1.70 -3.51
C ILE A 117 11.63 -0.24 -3.26
N THR A 118 10.76 0.65 -3.75
CA THR A 118 11.00 2.09 -3.61
C THR A 118 9.73 2.84 -3.21
N LEU A 119 9.91 4.05 -2.73
CA LEU A 119 8.80 4.90 -2.32
C LEU A 119 9.27 6.35 -2.23
N ASN A 120 8.32 7.27 -2.33
CA ASN A 120 8.60 8.66 -2.09
C ASN A 120 7.84 9.05 -0.83
N SER A 121 8.48 9.81 0.04
CA SER A 121 7.78 10.37 1.21
C SER A 121 7.90 11.88 1.27
N GLY A 122 6.91 12.53 1.90
CA GLY A 122 6.90 13.98 2.04
C GLY A 122 7.94 14.53 3.01
N ASN A 123 8.05 15.86 3.07
CA ASN A 123 9.07 16.53 3.88
C ASN A 123 8.52 17.43 5.00
N ARG A 124 7.26 17.84 4.88
CA ARG A 124 6.64 18.75 5.85
C ARG A 124 6.35 18.07 7.18
N ASN A 137 16.42 0.39 8.75
CA ASN A 137 15.60 -0.58 8.03
C ASN A 137 16.11 -0.94 6.64
N GLY A 138 17.20 -0.29 6.22
CA GLY A 138 17.89 -0.67 4.98
C GLY A 138 17.52 0.11 3.73
N TYR A 139 16.75 1.18 3.90
CA TYR A 139 16.34 2.04 2.78
C TYR A 139 17.32 3.18 2.55
N VAL A 140 17.80 3.30 1.31
CA VAL A 140 18.74 4.36 0.94
C VAL A 140 17.98 5.50 0.27
N SER A 141 18.30 6.73 0.65
CA SER A 141 17.67 7.90 0.04
C SER A 141 18.62 8.65 -0.87
N ASN A 142 18.56 8.33 -2.17
CA ASN A 142 19.47 8.98 -3.12
C ASN A 142 18.78 9.70 -4.27
N THR A 143 17.45 9.85 -4.18
CA THR A 143 16.71 10.64 -5.15
C THR A 143 15.84 11.70 -4.49
N SER A 144 15.63 12.79 -5.21
CA SER A 144 14.60 13.77 -4.88
C SER A 144 13.47 13.73 -5.92
N GLY A 145 12.23 13.83 -5.44
CA GLY A 145 11.05 13.88 -6.33
C GLY A 145 10.72 15.29 -6.78
N PHE A 146 10.33 15.40 -8.05
CA PHE A 146 9.88 16.65 -8.68
C PHE A 146 8.57 16.43 -9.39
N THR A 147 7.58 17.27 -9.08
CA THR A 147 6.24 17.10 -9.60
C THR A 147 5.72 18.42 -10.13
N LYS A 148 5.12 18.36 -11.32
CA LYS A 148 4.50 19.51 -11.94
C LYS A 148 3.04 19.15 -12.14
N GLN A 149 2.14 20.04 -11.73
CA GLN A 149 0.73 19.89 -12.02
C GLN A 149 0.44 20.24 -13.47
N LEU A 150 -0.42 19.47 -14.12
CA LEU A 150 -0.74 19.71 -15.51
C LEU A 150 -2.18 20.13 -15.66
S SO4 B . 5.39 1.44 13.88
O1 SO4 B . 5.99 0.21 13.34
O2 SO4 B . 6.30 2.55 13.65
O3 SO4 B . 4.10 1.72 13.24
O4 SO4 B . 5.18 1.28 15.34
C1 EDO C . 2.96 7.63 2.03
O1 EDO C . 1.69 7.10 1.60
C2 EDO C . 4.05 6.57 2.16
O2 EDO C . 4.68 6.29 0.90
C1 PGE D . 1.42 -13.86 -3.21
O1 PGE D . 1.05 -13.40 -4.53
C2 PGE D . 0.29 -13.61 -2.24
O2 PGE D . 0.79 -13.00 -1.05
C3 PGE D . -0.26 -12.56 -0.19
C4 PGE D . 0.30 -11.59 0.85
O4 PGE D . 4.18 -12.31 3.21
C6 PGE D . 3.58 -11.19 2.52
C5 PGE D . 2.06 -11.32 2.43
O3 PGE D . 1.65 -11.86 1.17
C1 EDO E . 19.52 -6.64 -19.43
O1 EDO E . 18.75 -5.76 -20.29
C2 EDO E . 20.55 -5.79 -18.67
O2 EDO E . 20.54 -6.16 -17.28
#